data_6TQT
#
_entry.id   6TQT
#
_cell.length_a   28.114
_cell.length_b   51.216
_cell.length_c   78.799
_cell.angle_alpha   90.000
_cell.angle_beta   90.000
_cell.angle_gamma   90.000
#
_symmetry.space_group_name_H-M   'P 21 21 21'
#
loop_
_entity.id
_entity.type
_entity.pdbx_description
1 polymer 'Motile sperm domain-containing protein 2'
2 non-polymer 1,2-ETHANEDIOL
3 non-polymer 'PHOSPHATE ION'
4 water water
#
_entity_poly.entity_id   1
_entity_poly.type   'polypeptide(L)'
_entity_poly.pdbx_seq_one_letter_code
;MISNEEQTPLLKKINPTESTSKAEENEKVDSKVKAFKKPLSVFKGPLLHISPAEELYFGSTESGEKKTLIVLTNVTKNIV
AFKVRTTAPEKYRVKPSNSSCDPGASVDIVVSPHGGLTVSAQDRFLIMAAEMEQSSGTGPAELTQFWKEVPRNKVMEHRL
RCHTVESSKPNTLTLKDNAFNMSDKTSEDICLQLSRLLESNRKLEDQVQRHHHHHH
;
_entity_poly.pdbx_strand_id   A
#
# COMPACT_ATOMS: atom_id res chain seq x y z
N ALA A 35 -7.16 -10.90 12.90
CA ALA A 35 -8.55 -10.46 12.90
C ALA A 35 -8.70 -9.16 13.66
N PHE A 36 -8.31 -9.18 14.93
CA PHE A 36 -8.27 -7.97 15.75
C PHE A 36 -6.90 -7.32 15.67
N LYS A 37 -6.88 -6.03 15.40
CA LYS A 37 -5.67 -5.29 15.09
C LYS A 37 -5.63 -4.01 15.91
N LYS A 38 -4.42 -3.49 16.10
CA LYS A 38 -4.26 -2.23 16.84
C LYS A 38 -4.84 -1.08 16.01
N PRO A 39 -5.53 -0.14 16.65
CA PRO A 39 -6.05 1.02 15.91
C PRO A 39 -4.94 1.85 15.32
N LEU A 40 -5.24 2.49 14.18
CA LEU A 40 -4.24 3.19 13.39
C LEU A 40 -4.64 4.62 13.14
N SER A 41 -3.62 5.47 12.99
CA SER A 41 -3.83 6.84 12.56
C SER A 41 -4.18 6.86 11.06
N VAL A 42 -4.58 8.03 10.57
CA VAL A 42 -5.09 8.22 9.22
C VAL A 42 -4.39 9.38 8.56
N PHE A 43 -3.88 9.15 7.36
CA PHE A 43 -3.48 10.21 6.43
C PHE A 43 -4.54 10.36 5.36
N LYS A 44 -5.00 11.60 5.13
CA LYS A 44 -6.05 11.86 4.15
C LYS A 44 -5.40 12.39 2.87
N GLY A 45 -5.31 11.52 1.88
CA GLY A 45 -4.88 11.93 0.57
C GLY A 45 -6.05 12.11 -0.36
N PRO A 46 -5.80 12.59 -1.56
CA PRO A 46 -6.92 12.90 -2.46
C PRO A 46 -7.61 11.66 -2.98
N LEU A 47 -6.88 10.58 -3.18
CA LEU A 47 -7.42 9.34 -3.75
C LEU A 47 -7.64 8.29 -2.70
N LEU A 48 -6.74 8.24 -1.71
CA LEU A 48 -6.77 7.23 -0.67
C LEU A 48 -6.67 7.89 0.70
N HIS A 49 -7.36 7.30 1.67
CA HIS A 49 -6.98 7.46 3.05
C HIS A 49 -6.10 6.27 3.40
N ILE A 50 -4.99 6.55 4.08
CA ILE A 50 -3.96 5.55 4.37
C ILE A 50 -3.78 5.46 5.89
N SER A 51 -3.80 4.23 6.40
CA SER A 51 -3.53 3.95 7.83
C SER A 51 -2.38 2.98 7.94
N PRO A 52 -1.40 3.21 8.81
CA PRO A 52 -1.20 4.41 9.63
C PRO A 52 -0.80 5.58 8.75
N ALA A 53 -0.76 6.76 9.36
CA ALA A 53 -0.49 7.97 8.60
C ALA A 53 0.94 8.05 8.14
N GLU A 54 1.90 7.66 9.01
CA GLU A 54 3.31 7.86 8.67
C GLU A 54 4.23 6.77 9.18
N GLU A 55 3.98 6.19 10.35
CA GLU A 55 4.94 5.32 11.02
C GLU A 55 4.38 3.92 11.18
N LEU A 56 5.16 2.92 10.76
CA LEU A 56 4.74 1.52 10.78
C LEU A 56 5.32 0.83 12.00
N TYR A 57 4.45 0.31 12.89
CA TYR A 57 4.90 -0.48 14.02
C TYR A 57 4.64 -1.96 13.76
N PHE A 58 5.61 -2.80 14.12
CA PHE A 58 5.52 -4.22 13.90
C PHE A 58 5.13 -4.95 15.18
N GLY A 59 4.20 -5.90 15.06
CA GLY A 59 3.83 -6.76 16.16
C GLY A 59 4.03 -8.23 15.83
N SER A 60 3.98 -9.07 16.87
CA SER A 60 4.22 -10.52 16.72
C SER A 60 2.92 -11.27 16.47
N THR A 61 3.00 -12.27 15.58
CA THR A 61 1.88 -13.17 15.34
C THR A 61 1.96 -14.36 16.31
N GLU A 62 0.92 -15.22 16.22
CA GLU A 62 0.86 -16.44 17.01
C GLU A 62 2.13 -17.28 16.86
N SER A 63 2.81 -17.20 15.71
CA SER A 63 4.02 -17.98 15.49
C SER A 63 5.26 -17.17 15.77
N GLY A 64 5.12 -16.01 16.40
CA GLY A 64 6.25 -15.15 16.75
C GLY A 64 6.83 -14.31 15.64
N GLU A 65 6.22 -14.29 14.47
CA GLU A 65 6.75 -13.52 13.35
C GLU A 65 6.27 -12.08 13.43
N LYS A 66 7.15 -11.16 13.00
CA LYS A 66 6.85 -9.74 13.03
C LYS A 66 6.13 -9.31 11.75
N LYS A 67 5.05 -8.56 11.91
CA LYS A 67 4.25 -8.09 10.78
C LYS A 67 3.69 -6.72 11.11
N THR A 68 3.41 -5.94 10.05
CA THR A 68 2.68 -4.68 10.19
C THR A 68 1.60 -4.62 9.13
N LEU A 69 0.63 -3.75 9.34
CA LEU A 69 -0.53 -3.63 8.48
C LEU A 69 -0.67 -2.21 7.95
N ILE A 70 -0.85 -2.09 6.65
CA ILE A 70 -1.24 -0.85 6.01
C ILE A 70 -2.65 -1.06 5.47
N VAL A 71 -3.53 -0.09 5.68
CA VAL A 71 -4.87 -0.16 5.13
C VAL A 71 -5.06 1.02 4.19
N LEU A 72 -5.49 0.75 2.97
CA LEU A 72 -5.81 1.79 1.98
C LEU A 72 -7.32 1.83 1.83
N THR A 73 -7.88 3.02 1.79
CA THR A 73 -9.31 3.20 1.55
C THR A 73 -9.48 4.17 0.39
N ASN A 74 -10.20 3.71 -0.64
CA ASN A 74 -10.45 4.51 -1.84
C ASN A 74 -11.62 5.44 -1.53
N VAL A 75 -11.35 6.74 -1.51
CA VAL A 75 -12.37 7.73 -1.21
C VAL A 75 -12.91 8.40 -2.47
N THR A 76 -12.59 7.88 -3.66
CA THR A 76 -13.07 8.42 -4.91
C THR A 76 -14.27 7.60 -5.39
N LYS A 77 -14.81 7.98 -6.55
CA LYS A 77 -15.95 7.31 -7.15
C LYS A 77 -15.57 6.21 -8.12
N ASN A 78 -14.29 6.11 -8.50
CA ASN A 78 -13.80 5.13 -9.46
C ASN A 78 -12.76 4.23 -8.82
N ILE A 79 -12.42 3.15 -9.51
CA ILE A 79 -11.32 2.30 -9.08
C ILE A 79 -10.05 3.11 -8.99
N VAL A 80 -9.26 2.82 -7.96
CA VAL A 80 -7.92 3.41 -7.82
C VAL A 80 -6.90 2.28 -7.90
N ALA A 81 -5.97 2.40 -8.83
CA ALA A 81 -4.87 1.47 -8.93
C ALA A 81 -3.80 1.89 -7.94
N PHE A 82 -3.14 0.90 -7.31
CA PHE A 82 -2.07 1.24 -6.38
C PHE A 82 -0.92 0.27 -6.49
N LYS A 83 0.26 0.77 -6.14
CA LYS A 83 1.47 -0.03 -6.08
C LYS A 83 2.18 0.34 -4.78
N VAL A 84 2.86 -0.65 -4.21
CA VAL A 84 3.64 -0.46 -2.98
C VAL A 84 5.09 -0.73 -3.33
N ARG A 85 5.96 0.24 -3.04
CA ARG A 85 7.40 0.10 -3.27
CA ARG A 85 7.40 0.08 -3.27
C ARG A 85 8.13 0.29 -1.95
N THR A 86 9.41 -0.08 -1.93
CA THR A 86 10.18 -0.03 -0.68
C THR A 86 11.65 0.26 -0.96
N THR A 87 12.31 0.84 0.02
CA THR A 87 13.75 1.03 -0.05
C THR A 87 14.53 -0.27 0.17
N ALA A 88 13.89 -1.33 0.63
CA ALA A 88 14.55 -2.59 0.98
C ALA A 88 13.79 -3.74 0.31
N PRO A 89 13.86 -3.82 -1.02
CA PRO A 89 13.01 -4.77 -1.75
C PRO A 89 13.32 -6.23 -1.48
N GLU A 90 14.52 -6.55 -1.01
CA GLU A 90 14.89 -7.90 -0.68
C GLU A 90 14.47 -8.32 0.73
N LYS A 91 14.00 -7.37 1.54
CA LYS A 91 13.85 -7.58 2.96
C LYS A 91 12.43 -7.88 3.40
N TYR A 92 11.43 -7.47 2.62
CA TYR A 92 10.05 -7.51 3.07
C TYR A 92 9.18 -8.27 2.08
N ARG A 93 8.30 -9.10 2.63
CA ARG A 93 7.15 -9.60 1.91
C ARG A 93 6.07 -8.52 2.01
N VAL A 94 5.45 -8.18 0.88
CA VAL A 94 4.47 -7.13 0.77
C VAL A 94 3.32 -7.72 -0.04
N LYS A 95 2.16 -7.85 0.60
CA LYS A 95 1.02 -8.50 -0.08
C LYS A 95 -0.31 -7.82 0.23
N PRO A 96 -1.03 -7.33 -0.79
CA PRO A 96 -0.64 -7.18 -2.21
C PRO A 96 0.30 -5.99 -2.39
N SER A 97 1.02 -5.94 -3.50
CA SER A 97 1.86 -4.82 -3.84
C SER A 97 1.55 -4.12 -5.17
N ASN A 98 0.66 -4.68 -6.00
CA ASN A 98 0.38 -4.07 -7.31
C ASN A 98 -1.03 -4.51 -7.71
N SER A 99 -2.00 -3.67 -7.38
CA SER A 99 -3.39 -4.11 -7.45
C SER A 99 -4.29 -2.87 -7.56
N SER A 100 -5.53 -3.01 -7.12
CA SER A 100 -6.49 -1.94 -7.23
C SER A 100 -7.43 -2.04 -6.04
N CYS A 101 -8.07 -0.90 -5.75
CA CYS A 101 -9.01 -0.75 -4.65
C CYS A 101 -10.31 -0.16 -5.20
N ASP A 102 -11.42 -0.79 -4.86
CA ASP A 102 -12.74 -0.38 -5.34
C ASP A 102 -13.22 0.88 -4.64
N PRO A 103 -14.08 1.65 -5.28
CA PRO A 103 -14.61 2.86 -4.62
C PRO A 103 -15.26 2.52 -3.30
N GLY A 104 -14.89 3.30 -2.28
CA GLY A 104 -15.42 3.15 -0.95
C GLY A 104 -14.91 1.96 -0.17
N ALA A 105 -14.12 1.10 -0.78
CA ALA A 105 -13.60 -0.10 -0.16
C ALA A 105 -12.22 0.13 0.44
N SER A 106 -11.83 -0.78 1.32
CA SER A 106 -10.51 -0.81 1.96
C SER A 106 -9.78 -2.09 1.59
N VAL A 107 -8.46 -1.97 1.46
CA VAL A 107 -7.60 -3.11 1.21
C VAL A 107 -6.50 -3.16 2.26
N ASP A 108 -6.32 -4.34 2.84
CA ASP A 108 -5.24 -4.57 3.80
C ASP A 108 -3.99 -4.95 3.03
N ILE A 109 -2.88 -4.35 3.38
CA ILE A 109 -1.56 -4.71 2.87
C ILE A 109 -0.75 -5.21 4.05
N VAL A 110 -0.27 -6.46 3.96
CA VAL A 110 0.48 -7.06 5.05
C VAL A 110 1.94 -7.04 4.67
N VAL A 111 2.77 -6.57 5.57
CA VAL A 111 4.19 -6.36 5.36
C VAL A 111 4.93 -7.11 6.45
N SER A 112 5.90 -7.92 6.06
CA SER A 112 6.69 -8.62 7.08
C SER A 112 8.11 -8.82 6.63
N PRO A 113 9.08 -8.60 7.51
CA PRO A 113 10.45 -8.91 7.14
C PRO A 113 10.63 -10.42 7.00
N HIS A 114 11.52 -10.80 6.08
CA HIS A 114 11.86 -12.20 5.98
C HIS A 114 12.51 -12.70 7.26
N GLY A 115 12.39 -14.00 7.48
CA GLY A 115 13.01 -14.60 8.65
C GLY A 115 14.48 -14.27 8.75
N GLY A 116 14.93 -13.91 9.97
CA GLY A 116 16.32 -13.61 10.20
C GLY A 116 16.71 -12.17 9.90
N LEU A 117 15.81 -11.38 9.33
CA LEU A 117 16.08 -9.99 9.06
C LEU A 117 15.36 -9.13 10.07
N THR A 118 15.92 -7.97 10.37
CA THR A 118 15.35 -7.08 11.36
C THR A 118 15.02 -5.71 10.78
N VAL A 119 13.92 -5.15 11.26
CA VAL A 119 13.43 -3.88 10.78
C VAL A 119 14.41 -2.76 11.15
N SER A 120 14.68 -1.87 10.19
CA SER A 120 15.44 -0.65 10.43
C SER A 120 14.57 0.60 10.24
N ALA A 121 14.85 1.63 11.02
CA ALA A 121 14.20 2.93 10.85
C ALA A 121 14.58 3.61 9.55
N GLN A 122 15.59 3.12 8.83
CA GLN A 122 15.90 3.58 7.50
C GLN A 122 14.94 3.03 6.46
N ASP A 123 14.20 1.97 6.80
CA ASP A 123 13.36 1.28 5.84
C ASP A 123 12.08 2.09 5.63
N ARG A 124 11.76 2.38 4.38
CA ARG A 124 10.57 3.14 4.03
C ARG A 124 9.77 2.44 2.96
N PHE A 125 8.50 2.79 2.90
CA PHE A 125 7.57 2.31 1.91
C PHE A 125 6.94 3.51 1.20
N LEU A 126 6.57 3.29 -0.06
CA LEU A 126 5.92 4.28 -0.90
C LEU A 126 4.62 3.67 -1.38
N ILE A 127 3.50 4.37 -1.14
CA ILE A 127 2.22 4.04 -1.78
C ILE A 127 2.07 4.97 -2.97
N MET A 128 1.94 4.40 -4.17
CA MET A 128 1.63 5.13 -5.40
C MET A 128 0.21 4.78 -5.81
N ALA A 129 -0.56 5.76 -6.23
CA ALA A 129 -1.96 5.48 -6.57
C ALA A 129 -2.43 6.45 -7.65
N ALA A 130 -3.37 5.97 -8.48
CA ALA A 130 -3.96 6.82 -9.49
C ALA A 130 -5.36 6.33 -9.81
N GLU A 131 -6.26 7.27 -10.14
CA GLU A 131 -7.66 6.94 -10.33
C GLU A 131 -7.91 6.51 -11.77
N MET A 132 -8.60 5.39 -11.94
CA MET A 132 -8.92 4.84 -13.25
C MET A 132 -10.25 5.42 -13.73
N GLU A 133 -10.62 5.06 -14.95
CA GLU A 133 -11.89 5.51 -15.52
C GLU A 133 -13.06 4.65 -15.04
N GLN A 134 -14.29 5.13 -15.26
CA GLN A 134 -15.44 4.30 -14.93
CA GLN A 134 -15.47 4.32 -14.96
C GLN A 134 -15.41 2.99 -15.71
N SER A 135 -15.75 1.91 -15.02
CA SER A 135 -15.81 0.57 -15.63
C SER A 135 -14.48 0.14 -16.26
N SER A 136 -13.35 0.64 -15.76
CA SER A 136 -12.07 0.11 -16.17
C SER A 136 -11.92 -1.33 -15.70
N GLY A 137 -11.27 -2.15 -16.53
CA GLY A 137 -10.81 -3.46 -16.07
C GLY A 137 -9.54 -3.35 -15.24
N THR A 138 -9.33 -4.33 -14.36
CA THR A 138 -8.23 -4.26 -13.40
C THR A 138 -7.42 -5.55 -13.37
N GLY A 139 -7.48 -6.33 -14.41
CA GLY A 139 -6.58 -7.46 -14.54
C GLY A 139 -5.15 -7.00 -14.67
N PRO A 140 -4.19 -7.93 -14.50
CA PRO A 140 -2.78 -7.50 -14.49
C PRO A 140 -2.36 -6.77 -15.75
N ALA A 141 -2.80 -7.25 -16.93
CA ALA A 141 -2.40 -6.54 -18.15
C ALA A 141 -3.01 -5.16 -18.23
N GLU A 142 -4.27 -5.05 -17.83
CA GLU A 142 -4.94 -3.77 -17.83
CA GLU A 142 -4.94 -3.76 -17.84
C GLU A 142 -4.27 -2.78 -16.87
N LEU A 143 -3.87 -3.25 -15.68
CA LEU A 143 -3.20 -2.36 -14.74
C LEU A 143 -1.86 -1.94 -15.30
N THR A 144 -1.12 -2.88 -15.90
CA THR A 144 0.17 -2.52 -16.49
C THR A 144 -0.01 -1.42 -17.52
N GLN A 145 -1.02 -1.55 -18.38
CA GLN A 145 -1.23 -0.54 -19.41
C GLN A 145 -1.64 0.79 -18.79
N PHE A 146 -2.46 0.73 -17.73
CA PHE A 146 -2.88 1.96 -17.08
C PHE A 146 -1.69 2.73 -16.54
N TRP A 147 -0.77 2.03 -15.87
CA TRP A 147 0.39 2.74 -15.31
C TRP A 147 1.30 3.29 -16.40
N LYS A 148 1.29 2.67 -17.58
CA LYS A 148 2.07 3.21 -18.68
C LYS A 148 1.48 4.52 -19.17
N GLU A 149 0.15 4.67 -19.10
CA GLU A 149 -0.52 5.83 -19.65
CA GLU A 149 -0.59 5.80 -19.63
C GLU A 149 -0.66 6.98 -18.70
N VAL A 150 -0.84 6.71 -17.41
CA VAL A 150 -1.28 7.76 -16.50
C VAL A 150 -0.22 8.84 -16.45
N PRO A 151 -0.59 10.10 -16.63
CA PRO A 151 0.42 11.16 -16.51
C PRO A 151 0.87 11.29 -15.07
N ARG A 152 2.17 11.58 -14.91
CA ARG A 152 2.74 11.63 -13.58
C ARG A 152 1.97 12.57 -12.68
N ASN A 153 1.39 13.65 -13.24
CA ASN A 153 0.71 14.63 -12.40
C ASN A 153 -0.53 14.06 -11.72
N LYS A 154 -1.03 12.92 -12.21
CA LYS A 154 -2.23 12.31 -11.65
C LYS A 154 -1.87 11.26 -10.58
N VAL A 155 -0.60 11.00 -10.35
CA VAL A 155 -0.18 9.93 -9.45
C VAL A 155 0.04 10.49 -8.05
N MET A 156 -0.74 10.00 -7.09
CA MET A 156 -0.57 10.34 -5.68
C MET A 156 0.52 9.47 -5.09
N GLU A 157 1.41 10.08 -4.31
CA GLU A 157 2.45 9.31 -3.64
C GLU A 157 2.45 9.66 -2.17
N HIS A 158 2.63 8.66 -1.32
CA HIS A 158 2.72 8.86 0.12
C HIS A 158 3.71 7.90 0.74
N ARG A 159 4.63 8.43 1.55
CA ARG A 159 5.70 7.63 2.14
C ARG A 159 5.37 7.26 3.57
N LEU A 160 5.83 6.08 3.97
CA LEU A 160 5.69 5.55 5.33
C LEU A 160 7.06 5.09 5.78
N ARG A 161 7.30 5.12 7.09
CA ARG A 161 8.59 4.75 7.67
C ARG A 161 8.41 3.69 8.73
N CYS A 162 9.33 2.73 8.77
CA CYS A 162 9.30 1.68 9.78
C CYS A 162 9.80 2.19 11.12
N HIS A 163 9.17 1.73 12.19
CA HIS A 163 9.66 1.87 13.54
C HIS A 163 10.40 0.60 13.94
N THR A 164 11.54 0.76 14.60
CA THR A 164 12.26 -0.43 15.05
C THR A 164 11.37 -1.29 15.95
N VAL A 165 11.71 -2.57 16.02
CA VAL A 165 10.96 -3.48 16.88
C VAL A 165 11.43 -3.33 18.32
#